data_8CEV
#
_entry.id   8CEV
#
_cell.length_a   52.282
_cell.length_b   84.511
_cell.length_c   155.049
_cell.angle_alpha   90.000
_cell.angle_beta   90.000
_cell.angle_gamma   90.000
#
_symmetry.space_group_name_H-M   'P 21 21 21'
#
loop_
_entity.id
_entity.type
_entity.pdbx_description
1 polymer "Cap-specific mRNA (nucleoside-2'-O-)-methyltransferase"
2 non-polymer '(2~{S})-2-azanyl-4-[[(2~{S},3~{S},4~{R},5~{R})-5-(4-azanyl-5-iodanyl-pyrrolo[2,3-d]pyrimidin-7-yl)-3,4-bis(oxidanyl)oxolan-2-yl]methylsulfanyl]butanoic acid'
3 water water
#
_entity_poly.entity_id   1
_entity_poly.type   'polypeptide(L)'
_entity_poly.pdbx_seq_one_letter_code
;MDVVSLDKPFMYFEEIDNELDYEPESANEVAKKLPYQGQLKLLLGELFFLSKLQRHGILDGATVVYIGSAPGTHIRYLRD
HFYNLGVIIKWMLIDGRHHDPILNGLRDVTLVTRFVDEEYLRSIKKQLHPSKIILISDVRSKRGGNEPSTADLLSNYALQ
NVMISILNPVASSLKWRCPFPDQWIKDFYIPHGNKMLQPFAPSYSAEMRLLSIYTGENMRLTRVTKSDAVNYEKKMYYLN
KIVRNKVVINFDYPNQEYDYFHMYFMLRTVYCNKTFPTTKAKILFLQQSIFRFLNIPTTSTEKVSHE
;
_entity_poly.pdbx_strand_id   A,B
#
loop_
_chem_comp.id
_chem_comp.type
_chem_comp.name
_chem_comp.formula
UG9 non-polymer '(2~{S})-2-azanyl-4-[[(2~{S},3~{S},4~{R},5~{R})-5-(4-azanyl-5-iodanyl-pyrrolo[2,3-d]pyrimidin-7-yl)-3,4-bis(oxidanyl)oxolan-2-yl]methylsulfanyl]butanoic acid' 'C15 H20 I N5 O5 S'
#
# COMPACT_ATOMS: atom_id res chain seq x y z
N MET A 1 3.14 16.14 41.47
CA MET A 1 3.80 15.10 40.68
C MET A 1 4.97 14.50 41.46
N ASP A 2 5.45 13.35 40.99
CA ASP A 2 6.60 12.70 41.60
C ASP A 2 7.89 13.31 41.06
N VAL A 3 8.90 13.38 41.93
CA VAL A 3 10.17 14.01 41.58
C VAL A 3 11.13 12.94 41.06
N VAL A 4 12.08 13.38 40.23
CA VAL A 4 13.02 12.48 39.58
C VAL A 4 14.25 13.29 39.20
N SER A 5 15.38 12.60 39.00
CA SER A 5 16.63 13.24 38.59
C SER A 5 17.10 12.55 37.31
N LEU A 6 17.20 13.33 36.22
CA LEU A 6 17.52 12.79 34.91
C LEU A 6 18.63 13.60 34.26
N ASP A 7 19.51 12.89 33.54
CA ASP A 7 20.50 13.57 32.71
C ASP A 7 19.94 13.98 31.36
N LYS A 8 18.99 13.22 30.82
CA LYS A 8 18.41 13.49 29.52
C LYS A 8 17.06 12.79 29.44
N PRO A 9 16.16 13.28 28.60
CA PRO A 9 14.86 12.61 28.42
C PRO A 9 14.97 11.50 27.38
N PHE A 10 13.88 10.76 27.22
CA PHE A 10 13.76 9.79 26.15
C PHE A 10 13.44 10.53 24.85
N MET A 11 14.32 10.40 23.86
CA MET A 11 14.12 11.07 22.57
C MET A 11 13.49 10.17 21.52
N TYR A 12 13.80 8.87 21.55
CA TYR A 12 13.27 7.93 20.56
C TYR A 12 12.66 6.74 21.29
N PHE A 13 11.75 6.06 20.59
CA PHE A 13 10.97 4.99 21.21
C PHE A 13 11.87 3.91 21.79
N GLU A 14 12.96 3.57 21.09
CA GLU A 14 13.82 2.48 21.53
C GLU A 14 14.40 2.72 22.91
N GLU A 15 14.47 3.98 23.36
CA GLU A 15 15.11 4.29 24.63
C GLU A 15 14.21 4.02 25.84
N ILE A 16 12.90 3.85 25.63
CA ILE A 16 12.01 3.53 26.75
C ILE A 16 12.43 2.20 27.35
N ASP A 17 12.66 2.19 28.66
CA ASP A 17 13.33 1.07 29.33
C ASP A 17 12.43 0.37 30.35
N ASN A 18 11.11 0.47 30.17
CA ASN A 18 10.18 -0.21 31.06
C ASN A 18 8.81 -0.22 30.39
N GLU A 19 7.93 -1.09 30.89
CA GLU A 19 6.59 -1.23 30.34
C GLU A 19 5.59 -1.35 31.47
N LEU A 20 4.32 -1.11 31.13
CA LEU A 20 3.25 -1.06 32.10
C LEU A 20 1.93 -1.45 31.42
N ASP A 21 1.08 -2.16 32.14
CA ASP A 21 -0.18 -2.64 31.59
C ASP A 21 -1.12 -1.46 31.33
N TYR A 22 -1.52 -1.28 30.08
CA TYR A 22 -2.38 -0.17 29.72
C TYR A 22 -3.73 -0.27 30.41
N GLU A 23 -4.27 0.87 30.82
CA GLU A 23 -5.57 0.98 31.46
C GLU A 23 -6.27 2.24 30.98
N PRO A 24 -7.60 2.23 30.88
CA PRO A 24 -8.33 3.45 30.51
C PRO A 24 -8.44 4.45 31.66
N LEU A 34 -3.02 22.27 27.54
CA LEU A 34 -2.57 23.55 26.98
C LEU A 34 -3.44 23.98 25.81
N PRO A 35 -3.58 25.29 25.61
CA PRO A 35 -4.35 25.79 24.47
C PRO A 35 -3.62 25.55 23.16
N TYR A 36 -4.31 24.91 22.21
CA TYR A 36 -3.75 24.57 20.91
C TYR A 36 -2.49 23.71 21.07
N GLN A 37 -2.58 22.72 21.95
CA GLN A 37 -1.44 21.85 22.22
C GLN A 37 -1.08 20.98 21.02
N GLY A 38 -2.02 20.74 20.11
CA GLY A 38 -1.71 19.96 18.92
C GLY A 38 -0.74 20.65 17.99
N GLN A 39 -0.89 21.96 17.82
CA GLN A 39 0.02 22.72 16.97
C GLN A 39 1.42 22.78 17.58
N LEU A 40 1.49 22.90 18.91
CA LEU A 40 2.80 22.88 19.58
C LEU A 40 3.49 21.54 19.37
N LYS A 41 2.74 20.44 19.45
CA LYS A 41 3.34 19.12 19.26
C LYS A 41 3.95 19.00 17.86
N LEU A 42 3.20 19.41 16.84
CA LEU A 42 3.69 19.32 15.47
C LEU A 42 4.87 20.26 15.24
N LEU A 43 4.77 21.49 15.74
CA LEU A 43 5.83 22.48 15.51
C LEU A 43 7.16 22.01 16.09
N LEU A 44 7.14 21.44 17.30
CA LEU A 44 8.38 21.00 17.92
C LEU A 44 9.00 19.84 17.16
N GLY A 45 8.21 18.82 16.82
CA GLY A 45 8.74 17.67 16.11
C GLY A 45 9.26 18.01 14.73
N GLU A 46 8.61 18.95 14.03
CA GLU A 46 9.07 19.35 12.71
C GLU A 46 10.27 20.29 12.78
N LEU A 47 10.33 21.14 13.82
CA LEU A 47 11.57 21.88 14.06
C LEU A 47 12.73 20.93 14.33
N PHE A 48 12.48 19.89 15.12
CA PHE A 48 13.51 18.91 15.43
C PHE A 48 13.96 18.18 14.17
N PHE A 49 13.00 17.70 13.36
CA PHE A 49 13.33 16.95 12.16
C PHE A 49 14.11 17.81 11.16
N LEU A 50 13.58 19.00 10.85
CA LEU A 50 14.22 19.84 9.84
C LEU A 50 15.54 20.41 10.33
N SER A 51 15.69 20.66 11.63
CA SER A 51 16.97 21.11 12.14
C SER A 51 18.03 20.02 12.05
N LYS A 52 17.64 18.75 12.23
CA LYS A 52 18.58 17.65 12.02
C LYS A 52 19.04 17.61 10.56
N LEU A 53 18.10 17.81 9.62
CA LEU A 53 18.47 17.88 8.22
C LEU A 53 19.35 19.09 7.93
N GLN A 54 19.13 20.20 8.62
CA GLN A 54 20.02 21.35 8.49
C GLN A 54 21.41 21.04 9.01
N ARG A 55 21.50 20.26 10.09
CA ARG A 55 22.82 19.89 10.62
C ARG A 55 23.56 18.98 9.65
N HIS A 56 22.85 18.12 8.94
CA HIS A 56 23.45 17.26 7.92
C HIS A 56 23.70 17.99 6.61
N GLY A 57 23.32 19.27 6.52
CA GLY A 57 23.61 20.05 5.33
C GLY A 57 22.81 19.66 4.10
N ILE A 58 21.67 19.00 4.27
CA ILE A 58 20.83 18.60 3.15
C ILE A 58 19.55 19.41 3.07
N LEU A 59 19.30 20.30 4.03
CA LEU A 59 18.07 21.10 4.01
C LEU A 59 18.16 22.22 2.98
N ASP A 60 19.32 22.88 2.89
CA ASP A 60 19.45 24.02 1.98
C ASP A 60 19.27 23.58 0.53
N GLY A 61 18.41 24.29 -0.20
CA GLY A 61 18.11 23.95 -1.56
C GLY A 61 17.02 22.92 -1.76
N ALA A 62 16.37 22.48 -0.70
CA ALA A 62 15.35 21.45 -0.80
C ALA A 62 13.95 22.04 -0.94
N THR A 63 13.01 21.22 -1.39
CA THR A 63 11.60 21.55 -1.40
C THR A 63 10.90 20.65 -0.40
N VAL A 64 10.21 21.26 0.56
CA VAL A 64 9.48 20.51 1.57
C VAL A 64 8.07 20.25 1.06
N VAL A 65 7.71 18.98 0.89
CA VAL A 65 6.38 18.57 0.48
C VAL A 65 5.65 18.07 1.72
N TYR A 66 4.69 18.85 2.19
CA TYR A 66 3.93 18.55 3.41
C TYR A 66 2.53 18.12 2.99
N ILE A 67 2.25 16.82 3.13
CA ILE A 67 0.96 16.24 2.77
C ILE A 67 0.16 16.01 4.05
N GLY A 68 -1.07 16.51 4.07
CA GLY A 68 -1.87 16.49 5.27
C GLY A 68 -1.55 17.68 6.14
N SER A 69 -1.42 18.85 5.51
CA SER A 69 -0.90 20.05 6.16
C SER A 69 -1.99 20.99 6.67
N ALA A 70 -3.27 20.74 6.33
CA ALA A 70 -4.24 21.75 6.74
C ALA A 70 -4.80 21.44 8.13
N PRO A 71 -5.10 22.47 8.95
CA PRO A 71 -4.93 23.91 8.70
C PRO A 71 -3.47 24.34 8.69
N GLY A 72 -2.62 23.73 9.51
CA GLY A 72 -1.19 24.02 9.49
C GLY A 72 -0.82 25.42 9.93
N THR A 73 -1.46 25.92 10.99
CA THR A 73 -1.11 27.24 11.52
C THR A 73 0.37 27.31 11.88
N HIS A 74 0.88 26.25 12.54
CA HIS A 74 2.26 26.22 13.00
C HIS A 74 3.25 26.28 11.85
N ILE A 75 2.84 25.89 10.64
CA ILE A 75 3.77 25.86 9.51
C ILE A 75 4.30 27.25 9.20
N ARG A 76 3.50 28.29 9.50
CA ARG A 76 3.97 29.66 9.29
C ARG A 76 5.20 29.95 10.14
N TYR A 77 5.23 29.46 11.37
CA TYR A 77 6.42 29.63 12.21
C TYR A 77 7.60 28.86 11.66
N LEU A 78 7.36 27.63 11.19
CA LEU A 78 8.44 26.84 10.59
C LEU A 78 9.07 27.59 9.42
N ARG A 79 8.24 28.05 8.49
CA ARG A 79 8.77 28.72 7.30
C ARG A 79 9.50 30.00 7.67
N ASP A 80 8.91 30.81 8.56
CA ASP A 80 9.57 32.04 8.99
C ASP A 80 10.90 31.75 9.67
N HIS A 81 10.96 30.66 10.43
CA HIS A 81 12.19 30.34 11.15
C HIS A 81 13.37 30.12 10.21
N PHE A 82 13.19 29.26 9.21
CA PHE A 82 14.29 28.97 8.29
C PHE A 82 14.51 30.08 7.28
N TYR A 83 13.45 30.82 6.94
CA TYR A 83 13.63 31.97 6.05
C TYR A 83 14.53 33.02 6.68
N ASN A 84 14.37 33.25 7.99
CA ASN A 84 15.21 34.22 8.68
C ASN A 84 16.63 33.70 8.93
N LEU A 85 16.84 32.39 8.87
CA LEU A 85 18.18 31.82 8.94
C LEU A 85 18.91 31.86 7.61
N GLY A 86 18.25 32.29 6.54
CA GLY A 86 18.85 32.30 5.23
C GLY A 86 18.82 30.99 4.49
N VAL A 87 18.22 29.94 5.08
CA VAL A 87 18.10 28.66 4.40
C VAL A 87 17.09 28.79 3.27
N ILE A 88 17.49 28.35 2.07
CA ILE A 88 16.68 28.50 0.87
C ILE A 88 15.78 27.27 0.79
N ILE A 89 14.49 27.45 1.10
CA ILE A 89 13.53 26.36 1.13
C ILE A 89 12.29 26.78 0.34
N LYS A 90 11.78 25.85 -0.46
CA LYS A 90 10.46 25.96 -1.05
C LYS A 90 9.50 25.04 -0.29
N TRP A 91 8.28 25.52 -0.07
CA TRP A 91 7.26 24.75 0.64
C TRP A 91 6.11 24.44 -0.30
N MET A 92 5.66 23.18 -0.27
CA MET A 92 4.48 22.75 -1.02
C MET A 92 3.55 22.08 -0.03
N LEU A 93 2.45 22.75 0.31
CA LEU A 93 1.50 22.26 1.30
C LEU A 93 0.27 21.72 0.57
N ILE A 94 -0.02 20.43 0.75
CA ILE A 94 -1.05 19.74 -0.02
C ILE A 94 -2.02 19.10 0.95
N ASP A 95 -3.30 19.45 0.84
CA ASP A 95 -4.34 18.89 1.69
C ASP A 95 -5.69 19.15 1.03
N GLY A 96 -6.61 18.20 1.23
CA GLY A 96 -7.95 18.36 0.68
C GLY A 96 -8.73 19.46 1.36
N ARG A 97 -8.39 19.78 2.60
CA ARG A 97 -9.01 20.88 3.32
C ARG A 97 -8.23 22.17 3.10
N HIS A 98 -8.88 23.29 3.39
CA HIS A 98 -8.25 24.59 3.22
C HIS A 98 -7.28 24.87 4.36
N HIS A 99 -6.22 25.61 4.04
CA HIS A 99 -5.17 25.93 5.00
C HIS A 99 -5.53 27.17 5.81
N ASP A 100 -4.81 27.36 6.90
CA ASP A 100 -4.98 28.55 7.72
C ASP A 100 -4.64 29.79 6.91
N PRO A 101 -5.46 30.84 6.94
CA PRO A 101 -5.15 32.04 6.14
C PRO A 101 -3.83 32.70 6.50
N ILE A 102 -3.26 32.40 7.67
CA ILE A 102 -1.96 32.97 8.04
C ILE A 102 -0.84 32.50 7.13
N LEU A 103 -1.10 31.49 6.29
CA LEU A 103 -0.14 31.01 5.31
C LEU A 103 -0.26 31.70 3.96
N ASN A 104 -1.07 32.75 3.86
CA ASN A 104 -1.25 33.46 2.60
C ASN A 104 -0.14 34.46 2.36
N GLY A 105 0.00 34.87 1.10
CA GLY A 105 0.94 35.91 0.75
C GLY A 105 2.40 35.55 0.90
N LEU A 106 2.73 34.27 0.84
CA LEU A 106 4.11 33.81 0.95
C LEU A 106 4.52 33.20 -0.39
N ARG A 107 5.49 33.84 -1.05
CA ARG A 107 5.88 33.42 -2.39
C ARG A 107 6.57 32.06 -2.39
N ASP A 108 7.28 31.73 -1.32
CA ASP A 108 7.98 30.45 -1.21
C ASP A 108 7.08 29.34 -0.68
N VAL A 109 5.80 29.60 -0.46
CA VAL A 109 4.85 28.61 0.05
C VAL A 109 3.74 28.46 -0.98
N THR A 110 3.62 27.26 -1.55
CA THR A 110 2.58 26.94 -2.51
C THR A 110 1.48 26.14 -1.80
N LEU A 111 0.26 26.65 -1.84
CA LEU A 111 -0.88 26.02 -1.20
C LEU A 111 -1.68 25.25 -2.25
N VAL A 112 -1.87 23.95 -2.01
CA VAL A 112 -2.57 23.07 -2.94
C VAL A 112 -3.76 22.47 -2.20
N THR A 113 -4.95 22.60 -2.78
CA THR A 113 -6.18 22.05 -2.21
C THR A 113 -6.52 20.79 -2.99
N ARG A 114 -6.08 19.64 -2.47
CA ARG A 114 -6.27 18.38 -3.19
C ARG A 114 -5.90 17.22 -2.28
N PHE A 115 -6.67 16.13 -2.37
CA PHE A 115 -6.29 14.88 -1.75
C PHE A 115 -5.37 14.12 -2.70
N VAL A 116 -4.21 13.71 -2.21
CA VAL A 116 -3.20 13.09 -3.07
C VAL A 116 -3.55 11.62 -3.30
N ASP A 117 -3.26 11.15 -4.50
CA ASP A 117 -3.32 9.73 -4.83
C ASP A 117 -2.07 9.39 -5.63
N GLU A 118 -1.99 8.13 -6.09
CA GLU A 118 -0.80 7.69 -6.81
C GLU A 118 -0.56 8.52 -8.06
N GLU A 119 -1.63 8.81 -8.81
CA GLU A 119 -1.50 9.56 -10.05
C GLU A 119 -0.97 10.97 -9.80
N TYR A 120 -1.50 11.65 -8.78
CA TYR A 120 -1.06 13.01 -8.50
C TYR A 120 0.34 13.05 -7.92
N LEU A 121 0.74 12.01 -7.17
CA LEU A 121 2.09 11.96 -6.65
C LEU A 121 3.11 11.89 -7.77
N ARG A 122 2.80 11.13 -8.83
CA ARG A 122 3.71 11.06 -9.97
C ARG A 122 3.84 12.41 -10.67
N SER A 123 2.74 13.16 -10.77
CA SER A 123 2.78 14.44 -11.48
C SER A 123 3.60 15.48 -10.72
N ILE A 124 3.50 15.51 -9.39
CA ILE A 124 4.29 16.48 -8.64
C ILE A 124 5.77 16.07 -8.60
N LYS A 125 6.06 14.77 -8.59
CA LYS A 125 7.45 14.33 -8.72
C LYS A 125 8.05 14.80 -10.05
N LYS A 126 7.27 14.68 -11.12
CA LYS A 126 7.75 15.10 -12.44
C LYS A 126 8.08 16.59 -12.45
N GLN A 127 7.23 17.42 -11.82
CA GLN A 127 7.46 18.86 -11.87
C GLN A 127 8.57 19.31 -10.92
N LEU A 128 8.80 18.58 -9.83
CA LEU A 128 9.85 18.95 -8.89
C LEU A 128 11.20 18.33 -9.23
N HIS A 129 11.22 17.26 -10.00
CA HIS A 129 12.46 16.62 -10.40
C HIS A 129 13.31 17.59 -11.21
N PRO A 130 14.63 17.62 -11.01
CA PRO A 130 15.45 16.77 -10.11
C PRO A 130 15.81 17.43 -8.78
N SER A 131 14.96 18.26 -8.20
CA SER A 131 15.30 18.92 -6.95
C SER A 131 15.07 18.00 -5.75
N LYS A 132 15.85 18.23 -4.70
CA LYS A 132 15.72 17.46 -3.47
C LYS A 132 14.33 17.64 -2.86
N ILE A 133 13.72 16.54 -2.47
CA ILE A 133 12.39 16.54 -1.86
C ILE A 133 12.52 16.05 -0.43
N ILE A 134 11.93 16.80 0.50
CA ILE A 134 11.80 16.40 1.89
C ILE A 134 10.32 16.22 2.18
N LEU A 135 9.95 15.03 2.63
CA LEU A 135 8.54 14.67 2.81
C LEU A 135 8.16 14.78 4.28
N ILE A 136 7.04 15.46 4.55
CA ILE A 136 6.40 15.46 5.86
C ILE A 136 4.95 15.05 5.63
N SER A 137 4.50 14.01 6.34
CA SER A 137 3.15 13.49 6.19
C SER A 137 2.46 13.46 7.54
N ASP A 138 1.23 14.00 7.58
CA ASP A 138 0.39 13.94 8.76
C ASP A 138 -1.04 13.55 8.39
N VAL A 139 -1.19 12.72 7.35
CA VAL A 139 -2.52 12.38 6.85
C VAL A 139 -3.24 11.47 7.83
N ARG A 140 -4.56 11.63 7.91
CA ARG A 140 -5.39 10.78 8.74
C ARG A 140 -6.83 10.83 8.25
N SER A 141 -7.50 9.69 8.31
CA SER A 141 -8.93 9.52 7.97
C SER A 141 -9.45 10.50 6.92
N GLU A 147 -12.69 8.22 15.95
CA GLU A 147 -11.43 7.50 16.01
C GLU A 147 -11.23 6.66 14.74
N PRO A 148 -9.98 6.58 14.26
CA PRO A 148 -9.70 5.79 13.06
C PRO A 148 -9.69 4.30 13.35
N SER A 149 -10.12 3.53 12.36
CA SER A 149 -10.07 2.08 12.43
C SER A 149 -8.72 1.58 11.94
N THR A 150 -8.44 0.31 12.24
CA THR A 150 -7.17 -0.29 11.81
C THR A 150 -7.06 -0.32 10.29
N ALA A 151 -8.19 -0.53 9.60
CA ALA A 151 -8.18 -0.46 8.14
C ALA A 151 -7.83 0.94 7.66
N ASP A 152 -8.31 1.98 8.36
CA ASP A 152 -7.93 3.34 8.01
C ASP A 152 -6.43 3.54 8.17
N LEU A 153 -5.86 3.08 9.29
CA LEU A 153 -4.43 3.22 9.51
C LEU A 153 -3.63 2.45 8.47
N LEU A 154 -4.06 1.23 8.14
CA LEU A 154 -3.39 0.46 7.10
C LEU A 154 -3.46 1.17 5.76
N SER A 155 -4.61 1.78 5.46
CA SER A 155 -4.72 2.57 4.24
C SER A 155 -3.84 3.81 4.30
N ASN A 156 -3.80 4.48 5.46
CA ASN A 156 -2.97 5.66 5.61
C ASN A 156 -1.49 5.31 5.48
N TYR A 157 -1.06 4.22 6.12
CA TYR A 157 0.35 3.84 6.09
C TYR A 157 0.74 3.28 4.72
N ALA A 158 -0.19 2.65 4.01
CA ALA A 158 0.08 2.26 2.63
C ALA A 158 0.32 3.49 1.76
N LEU A 159 -0.50 4.53 1.93
CA LEU A 159 -0.32 5.74 1.14
C LEU A 159 1.02 6.40 1.44
N GLN A 160 1.43 6.42 2.71
CA GLN A 160 2.71 7.03 3.06
C GLN A 160 3.87 6.27 2.41
N ASN A 161 3.77 4.94 2.33
CA ASN A 161 4.76 4.17 1.58
C ASN A 161 4.76 4.56 0.11
N VAL A 162 3.57 4.79 -0.45
CA VAL A 162 3.47 5.21 -1.85
C VAL A 162 4.11 6.58 -2.04
N MET A 163 3.94 7.48 -1.06
CA MET A 163 4.61 8.77 -1.14
C MET A 163 6.13 8.61 -1.27
N ILE A 164 6.71 7.70 -0.47
CA ILE A 164 8.16 7.55 -0.48
C ILE A 164 8.63 6.90 -1.77
N SER A 165 7.94 5.85 -2.23
CA SER A 165 8.40 5.15 -3.43
C SER A 165 8.26 5.98 -4.69
N ILE A 166 7.38 6.98 -4.71
CA ILE A 166 7.18 7.82 -5.87
C ILE A 166 7.93 9.14 -5.75
N LEU A 167 7.73 9.86 -4.63
CA LEU A 167 8.44 11.13 -4.44
C LEU A 167 9.93 10.91 -4.26
N ASN A 168 10.33 9.74 -3.76
CA ASN A 168 11.74 9.42 -3.51
C ASN A 168 12.44 10.54 -2.73
N PRO A 169 11.94 10.89 -1.55
CA PRO A 169 12.52 12.03 -0.83
C PRO A 169 13.89 11.70 -0.27
N VAL A 170 14.70 12.75 -0.08
CA VAL A 170 15.99 12.58 0.59
C VAL A 170 15.79 12.27 2.07
N ALA A 171 14.66 12.67 2.64
CA ALA A 171 14.34 12.38 4.03
C ALA A 171 12.84 12.50 4.21
N SER A 172 12.33 11.88 5.26
CA SER A 172 10.89 11.88 5.48
C SER A 172 10.57 11.85 6.97
N SER A 173 9.46 12.49 7.33
CA SER A 173 8.87 12.40 8.66
C SER A 173 7.42 11.94 8.48
N LEU A 174 7.09 10.77 9.03
CA LEU A 174 5.79 10.15 8.82
C LEU A 174 5.06 9.98 10.13
N LYS A 175 3.76 10.29 10.10
CA LYS A 175 2.87 9.97 11.21
C LYS A 175 2.88 8.47 11.46
N TRP A 176 3.10 8.06 12.71
CA TRP A 176 3.25 6.64 13.04
C TRP A 176 2.62 6.36 14.40
N ARG A 177 1.44 5.73 14.37
CA ARG A 177 0.83 5.14 15.56
C ARG A 177 0.42 3.72 15.23
N CYS A 178 0.99 2.76 15.94
CA CYS A 178 0.73 1.36 15.64
C CYS A 178 -0.72 1.02 15.99
N PRO A 179 -1.40 0.22 15.16
CA PRO A 179 -2.74 -0.24 15.52
C PRO A 179 -2.73 -1.00 16.83
N PHE A 180 -3.79 -0.81 17.62
CA PHE A 180 -3.87 -1.44 18.92
C PHE A 180 -3.90 -2.96 18.76
N PRO A 181 -3.26 -3.69 19.68
CA PRO A 181 -3.20 -5.15 19.52
C PRO A 181 -4.56 -5.83 19.47
N ASP A 182 -5.53 -5.34 20.25
CA ASP A 182 -6.88 -5.90 20.25
C ASP A 182 -7.70 -5.50 19.03
N GLN A 183 -7.09 -4.80 18.07
CA GLN A 183 -7.76 -4.45 16.82
C GLN A 183 -6.93 -4.89 15.61
N TRP A 184 -6.07 -5.89 15.79
CA TRP A 184 -5.17 -6.28 14.71
C TRP A 184 -5.95 -6.88 13.53
N ILE A 185 -5.38 -6.70 12.34
CA ILE A 185 -5.99 -7.22 11.11
C ILE A 185 -4.98 -8.06 10.34
N LYS A 186 -3.82 -7.47 10.04
CA LYS A 186 -2.78 -8.12 9.25
C LYS A 186 -1.46 -7.41 9.48
N ASP A 187 -0.38 -8.16 9.39
CA ASP A 187 0.95 -7.56 9.42
C ASP A 187 1.12 -6.62 8.23
N PHE A 188 1.87 -5.54 8.45
CA PHE A 188 2.11 -4.56 7.40
C PHE A 188 3.54 -4.07 7.51
N TYR A 189 3.94 -3.23 6.56
CA TYR A 189 5.33 -2.81 6.41
C TYR A 189 5.43 -1.29 6.49
N ILE A 190 6.45 -0.82 7.20
CA ILE A 190 6.76 0.60 7.31
C ILE A 190 8.25 0.77 7.01
N PRO A 191 8.67 1.98 6.65
CA PRO A 191 10.10 2.21 6.38
C PRO A 191 10.93 2.08 7.64
N HIS A 192 12.22 1.84 7.43
CA HIS A 192 13.19 1.92 8.50
C HIS A 192 13.47 3.38 8.86
N GLY A 193 13.69 3.61 10.15
CA GLY A 193 13.98 4.96 10.62
C GLY A 193 13.89 5.02 12.13
N ASN A 194 14.12 6.22 12.65
CA ASN A 194 14.06 6.46 14.08
C ASN A 194 12.68 6.97 14.47
N LYS A 195 12.16 6.48 15.59
CA LYS A 195 10.80 6.77 16.03
C LYS A 195 10.86 7.89 17.06
N MET A 196 10.73 9.12 16.58
CA MET A 196 10.86 10.30 17.45
C MET A 196 9.66 10.41 18.38
N LEU A 197 9.92 10.64 19.66
CA LEU A 197 8.87 10.84 20.66
C LEU A 197 8.44 12.30 20.68
N GLN A 198 7.16 12.52 20.99
CA GLN A 198 6.56 13.84 20.87
C GLN A 198 6.17 14.39 22.24
N PRO A 199 6.80 15.47 22.71
CA PRO A 199 6.30 16.17 23.89
C PRO A 199 5.02 16.93 23.57
N PHE A 200 4.23 17.15 24.62
CA PHE A 200 2.94 17.85 24.53
C PHE A 200 1.96 17.13 23.62
N ALA A 201 2.14 15.83 23.43
CA ALA A 201 1.13 15.00 22.80
C ALA A 201 -0.04 14.82 23.78
N PRO A 202 -1.19 14.37 23.29
CA PRO A 202 -2.29 14.05 24.22
C PRO A 202 -1.83 13.11 25.32
N SER A 203 -2.53 13.19 26.46
CA SER A 203 -2.03 12.59 27.70
C SER A 203 -1.62 11.14 27.51
N TYR A 204 -2.41 10.37 26.74
CA TYR A 204 -2.12 8.95 26.55
C TYR A 204 -2.06 8.58 25.07
N SER A 205 -1.55 9.48 24.24
CA SER A 205 -1.33 9.16 22.84
C SER A 205 -0.14 8.23 22.69
N ALA A 206 -0.24 7.29 21.75
CA ALA A 206 0.85 6.38 21.41
C ALA A 206 1.50 6.74 20.09
N GLU A 207 1.27 7.96 19.61
CA GLU A 207 1.76 8.39 18.31
C GLU A 207 3.19 8.88 18.40
N MET A 208 3.98 8.56 17.37
CA MET A 208 5.34 9.04 17.22
C MET A 208 5.54 9.49 15.78
N ARG A 209 6.71 10.04 15.47
CA ARG A 209 7.04 10.44 14.11
C ARG A 209 8.21 9.58 13.64
N LEU A 210 8.03 8.89 12.52
CA LEU A 210 9.07 8.06 11.94
C LEU A 210 9.98 8.94 11.09
N LEU A 211 11.23 9.11 11.52
CA LEU A 211 12.19 9.95 10.84
C LEU A 211 13.20 9.09 10.10
N SER A 212 13.32 9.32 8.79
CA SER A 212 14.19 8.52 7.93
C SER A 212 15.04 9.42 7.06
N ILE A 213 16.33 9.08 6.97
CA ILE A 213 17.26 9.73 6.04
C ILE A 213 17.75 8.65 5.08
N TYR A 214 17.53 8.87 3.79
CA TYR A 214 17.77 7.83 2.79
C TYR A 214 19.13 7.96 2.11
N MET A 219 15.13 2.64 0.32
CA MET A 219 14.22 2.52 1.44
C MET A 219 13.88 1.06 1.72
N ARG A 220 14.39 0.52 2.83
CA ARG A 220 14.15 -0.86 3.22
C ARG A 220 12.95 -0.93 4.13
N LEU A 221 12.01 -1.81 3.79
CA LEU A 221 10.79 -1.94 4.57
C LEU A 221 10.97 -2.93 5.71
N THR A 222 10.11 -2.81 6.69
CA THR A 222 10.21 -3.49 7.96
C THR A 222 8.82 -3.96 8.38
N ARG A 223 8.73 -5.22 8.83
CA ARG A 223 7.43 -5.83 9.14
C ARG A 223 7.00 -5.52 10.56
N VAL A 224 5.74 -5.14 10.71
CA VAL A 224 5.12 -4.83 12.00
C VAL A 224 4.11 -5.92 12.32
N THR A 225 4.23 -6.52 13.50
CA THR A 225 3.42 -7.65 13.90
C THR A 225 2.59 -7.31 15.13
N LYS A 226 1.68 -8.21 15.47
CA LYS A 226 0.80 -7.99 16.61
C LYS A 226 1.57 -7.93 17.92
N SER A 227 2.70 -8.63 18.01
CA SER A 227 3.53 -8.53 19.21
C SER A 227 4.25 -7.20 19.28
N ASP A 228 4.60 -6.61 18.13
CA ASP A 228 5.10 -5.24 18.14
C ASP A 228 4.03 -4.28 18.66
N ALA A 229 2.77 -4.51 18.26
CA ALA A 229 1.67 -3.67 18.72
C ALA A 229 1.52 -3.75 20.24
N VAL A 230 1.68 -4.94 20.81
CA VAL A 230 1.64 -5.07 22.27
C VAL A 230 2.80 -4.33 22.90
N ASN A 231 4.01 -4.48 22.33
CA ASN A 231 5.17 -3.80 22.86
C ASN A 231 5.00 -2.29 22.81
N TYR A 232 4.48 -1.77 21.69
CA TYR A 232 4.21 -0.33 21.58
C TYR A 232 3.23 0.13 22.66
N GLU A 233 2.13 -0.61 22.81
CA GLU A 233 1.07 -0.20 23.73
C GLU A 233 1.58 -0.10 25.17
N LYS A 234 2.37 -1.09 25.60
CA LYS A 234 2.86 -1.10 26.98
C LYS A 234 3.98 -0.08 27.18
N LYS A 235 4.89 0.05 26.21
CA LYS A 235 5.98 1.02 26.35
C LYS A 235 5.44 2.45 26.38
N MET A 236 4.45 2.76 25.53
CA MET A 236 3.94 4.12 25.47
C MET A 236 3.05 4.44 26.68
N TYR A 237 2.36 3.43 27.23
CA TYR A 237 1.58 3.69 28.43
C TYR A 237 2.47 3.98 29.63
N TYR A 238 3.58 3.24 29.77
CA TYR A 238 4.54 3.55 30.83
C TYR A 238 5.12 4.94 30.66
N LEU A 239 5.38 5.34 29.41
CA LEU A 239 5.86 6.69 29.14
C LEU A 239 4.83 7.74 29.55
N ASN A 240 3.57 7.51 29.18
CA ASN A 240 2.53 8.51 29.45
C ASN A 240 2.10 8.51 30.91
N LYS A 241 2.00 7.33 31.53
CA LYS A 241 1.49 7.25 32.90
C LYS A 241 2.56 7.60 33.92
N ILE A 242 3.80 7.16 33.70
CA ILE A 242 4.84 7.29 34.70
C ILE A 242 5.82 8.41 34.34
N VAL A 243 6.46 8.29 33.17
CA VAL A 243 7.59 9.15 32.85
C VAL A 243 7.14 10.61 32.73
N ARG A 244 6.09 10.86 31.95
CA ARG A 244 5.69 12.23 31.65
C ARG A 244 5.03 12.93 32.85
N ASN A 245 4.70 12.20 33.90
CA ASN A 245 4.14 12.79 35.12
C ASN A 245 5.21 13.01 36.19
N LYS A 246 6.48 13.15 35.79
CA LYS A 246 7.57 13.40 36.71
C LYS A 246 8.00 14.86 36.63
N VAL A 247 8.55 15.35 37.74
CA VAL A 247 9.20 16.65 37.79
C VAL A 247 10.70 16.39 37.89
N VAL A 248 11.46 16.93 36.94
CA VAL A 248 12.90 16.70 36.85
C VAL A 248 13.55 17.76 37.75
N ILE A 249 13.88 17.35 38.99
CA ILE A 249 14.23 18.32 40.02
C ILE A 249 15.61 18.92 39.82
N ASN A 250 16.50 18.24 39.09
CA ASN A 250 17.81 18.81 38.80
C ASN A 250 17.78 19.77 37.60
N PHE A 251 16.68 19.80 36.86
CA PHE A 251 16.58 20.57 35.63
C PHE A 251 16.57 22.07 35.95
N ASP A 252 17.50 22.82 35.34
CA ASP A 252 17.60 24.27 35.55
C ASP A 252 16.72 24.96 34.51
N TYR A 253 15.46 25.20 34.88
CA TYR A 253 14.49 25.78 33.96
C TYR A 253 13.26 26.24 34.75
N PRO A 254 12.56 27.27 34.29
CA PRO A 254 11.37 27.73 35.05
C PRO A 254 10.31 26.65 35.22
N ASN A 255 10.16 25.75 34.27
CA ASN A 255 9.23 24.63 34.37
C ASN A 255 10.03 23.34 34.31
N GLN A 256 9.93 22.54 35.37
CA GLN A 256 10.70 21.30 35.48
C GLN A 256 9.89 20.05 35.13
N GLU A 257 8.65 20.22 34.67
CA GLU A 257 7.86 19.07 34.25
C GLU A 257 8.52 18.40 33.06
N TYR A 258 8.33 17.08 32.96
CA TYR A 258 9.11 16.28 32.02
C TYR A 258 8.93 16.75 30.58
N ASP A 259 7.72 17.15 30.20
CA ASP A 259 7.47 17.58 28.84
C ASP A 259 8.28 18.83 28.49
N TYR A 260 8.45 19.74 29.45
CA TYR A 260 9.33 20.88 29.23
C TYR A 260 10.78 20.45 29.19
N PHE A 261 11.16 19.47 30.03
CA PHE A 261 12.47 18.87 29.95
C PHE A 261 12.70 18.23 28.59
N HIS A 262 11.68 17.54 28.08
CA HIS A 262 11.76 16.92 26.76
C HIS A 262 11.88 17.97 25.66
N MET A 263 10.98 18.97 25.68
CA MET A 263 11.03 20.03 24.67
C MET A 263 12.37 20.75 24.70
N TYR A 264 12.94 20.94 25.89
CA TYR A 264 14.22 21.63 26.03
C TYR A 264 15.31 20.95 25.22
N PHE A 265 15.36 19.62 25.25
CA PHE A 265 16.40 18.89 24.53
C PHE A 265 16.15 18.86 23.03
N MET A 266 14.90 19.01 22.58
CA MET A 266 14.64 19.14 21.15
C MET A 266 15.02 20.51 20.64
N LEU A 267 14.74 21.56 21.43
CA LEU A 267 14.98 22.93 20.98
C LEU A 267 16.46 23.29 20.97
N ARG A 268 17.31 22.54 21.67
CA ARG A 268 18.73 22.85 21.67
C ARG A 268 19.44 22.41 20.39
N THR A 269 18.77 21.62 19.55
CA THR A 269 19.29 21.30 18.23
C THR A 269 18.89 22.31 17.17
N VAL A 270 18.15 23.35 17.55
CA VAL A 270 17.64 24.35 16.63
C VAL A 270 18.67 25.45 16.45
N TYR A 271 18.85 25.89 15.20
CA TYR A 271 19.77 26.97 14.89
C TYR A 271 19.08 28.32 15.05
N CYS A 272 19.87 29.34 15.42
N CYS A 272 19.86 29.33 15.41
CA CYS A 272 19.37 30.68 15.67
CA CYS A 272 19.32 30.68 15.61
C CYS A 272 20.33 31.71 15.08
C CYS A 272 20.31 31.71 15.10
N ASN A 273 19.77 32.81 14.57
CA ASN A 273 20.60 33.92 14.13
C ASN A 273 21.11 34.73 15.30
N LYS A 274 20.29 34.89 16.33
CA LYS A 274 20.67 35.64 17.52
C LYS A 274 21.61 34.80 18.39
N THR A 275 22.59 35.46 19.00
CA THR A 275 23.51 34.81 19.91
C THR A 275 23.07 35.04 21.35
N PHE A 276 23.30 34.03 22.18
CA PHE A 276 22.84 34.08 23.56
C PHE A 276 23.98 33.78 24.52
N PRO A 277 23.96 34.38 25.71
CA PRO A 277 25.04 34.12 26.68
C PRO A 277 25.11 32.68 27.15
N THR A 278 23.99 31.97 27.18
CA THR A 278 23.95 30.58 27.64
C THR A 278 23.01 29.78 26.75
N THR A 279 23.13 28.45 26.84
CA THR A 279 22.17 27.59 26.16
C THR A 279 20.77 27.75 26.73
N LYS A 280 20.66 27.89 28.06
CA LYS A 280 19.35 28.07 28.68
C LYS A 280 18.66 29.32 28.17
N ALA A 281 19.42 30.41 28.00
CA ALA A 281 18.85 31.64 27.48
C ALA A 281 18.32 31.45 26.06
N LYS A 282 19.03 30.66 25.26
CA LYS A 282 18.57 30.40 23.89
C LYS A 282 17.26 29.62 23.89
N ILE A 283 17.18 28.54 24.67
CA ILE A 283 15.96 27.74 24.71
C ILE A 283 14.80 28.57 25.25
N LEU A 284 15.06 29.36 26.30
CA LEU A 284 14.03 30.20 26.87
C LEU A 284 13.48 31.18 25.84
N PHE A 285 14.36 31.78 25.03
CA PHE A 285 13.91 32.66 23.97
C PHE A 285 13.08 31.91 22.94
N LEU A 286 13.54 30.72 22.54
CA LEU A 286 12.83 29.95 21.53
C LEU A 286 11.45 29.52 22.03
N GLN A 287 11.36 29.05 23.27
CA GLN A 287 10.07 28.64 23.82
C GLN A 287 9.12 29.83 23.90
N GLN A 288 9.61 30.98 24.37
CA GLN A 288 8.78 32.17 24.41
C GLN A 288 8.30 32.54 23.01
N SER A 289 9.19 32.49 22.03
CA SER A 289 8.82 32.82 20.66
C SER A 289 7.75 31.87 20.14
N ILE A 290 7.92 30.57 20.39
CA ILE A 290 6.95 29.58 19.91
C ILE A 290 5.61 29.78 20.61
N PHE A 291 5.63 29.91 21.95
CA PHE A 291 4.40 30.04 22.71
C PHE A 291 3.62 31.29 22.31
N ARG A 292 4.31 32.40 22.10
CA ARG A 292 3.64 33.65 21.74
C ARG A 292 2.96 33.52 20.38
N PHE A 293 3.64 32.93 19.40
CA PHE A 293 3.04 32.78 18.07
C PHE A 293 1.82 31.87 18.13
N LEU A 294 1.90 30.79 18.91
CA LEU A 294 0.78 29.88 19.07
C LEU A 294 -0.22 30.36 20.11
N ASN A 295 0.02 31.52 20.72
CA ASN A 295 -0.89 32.14 21.68
C ASN A 295 -1.07 31.26 22.91
N ILE A 296 0.04 30.77 23.45
CA ILE A 296 0.05 29.95 24.67
C ILE A 296 0.60 30.80 25.80
N PRO A 297 -0.11 30.93 26.93
CA PRO A 297 0.39 31.66 28.09
C PRO A 297 1.71 31.12 28.62
N ASP B 2 8.79 -35.89 -23.15
CA ASP B 2 8.09 -36.97 -23.81
C ASP B 2 7.04 -36.44 -24.79
N VAL B 3 6.94 -37.09 -25.94
CA VAL B 3 6.01 -36.67 -26.98
C VAL B 3 4.64 -37.28 -26.72
N VAL B 4 3.60 -36.62 -27.25
CA VAL B 4 2.23 -37.06 -27.03
C VAL B 4 1.37 -36.49 -28.16
N SER B 5 0.21 -37.10 -28.39
CA SER B 5 -0.76 -36.62 -29.35
C SER B 5 -2.03 -36.23 -28.59
N LEU B 6 -2.47 -34.99 -28.77
CA LEU B 6 -3.63 -34.47 -28.09
C LEU B 6 -4.54 -33.73 -29.06
N ASP B 7 -5.84 -33.78 -28.80
CA ASP B 7 -6.80 -32.97 -29.54
C ASP B 7 -7.01 -31.61 -28.89
N LYS B 8 -6.91 -31.53 -27.56
CA LYS B 8 -7.11 -30.28 -26.83
C LYS B 8 -6.43 -30.40 -25.48
N PRO B 9 -6.00 -29.30 -24.90
CA PRO B 9 -5.40 -29.33 -23.56
C PRO B 9 -6.48 -29.24 -22.48
N PHE B 10 -6.04 -29.42 -21.24
CA PHE B 10 -6.93 -29.31 -20.09
C PHE B 10 -7.17 -27.84 -19.79
N MET B 11 -8.40 -27.38 -19.98
CA MET B 11 -8.76 -25.99 -19.75
C MET B 11 -9.20 -25.72 -18.32
N TYR B 12 -9.90 -26.67 -17.71
CA TYR B 12 -10.41 -26.53 -16.36
C TYR B 12 -9.97 -27.72 -15.51
N PHE B 13 -10.04 -27.54 -14.19
CA PHE B 13 -9.50 -28.55 -13.28
C PHE B 13 -10.24 -29.88 -13.42
N GLU B 14 -11.55 -29.83 -13.64
CA GLU B 14 -12.35 -31.05 -13.71
C GLU B 14 -11.89 -31.98 -14.83
N GLU B 15 -11.22 -31.46 -15.84
CA GLU B 15 -10.81 -32.26 -16.98
C GLU B 15 -9.57 -33.10 -16.72
N ILE B 16 -8.86 -32.86 -15.62
CA ILE B 16 -7.69 -33.66 -15.29
C ILE B 16 -8.15 -35.08 -14.94
N ASP B 17 -7.65 -36.07 -15.69
CA ASP B 17 -8.18 -37.42 -15.63
C ASP B 17 -7.21 -38.42 -15.02
N ASN B 18 -6.27 -37.97 -14.20
CA ASN B 18 -5.35 -38.90 -13.54
C ASN B 18 -4.70 -38.20 -12.35
N GLU B 19 -4.13 -39.01 -11.47
CA GLU B 19 -3.52 -38.52 -10.24
C GLU B 19 -2.09 -39.01 -10.13
N LEU B 20 -1.27 -38.22 -9.43
CA LEU B 20 0.13 -38.56 -9.17
C LEU B 20 0.47 -38.09 -7.76
N ASP B 21 1.01 -39.00 -6.95
CA ASP B 21 1.36 -38.65 -5.58
C ASP B 21 2.42 -37.57 -5.56
N TYR B 22 2.18 -36.52 -4.79
CA TYR B 22 3.08 -35.38 -4.74
C TYR B 22 4.40 -35.76 -4.06
N GLU B 23 5.46 -35.04 -4.42
CA GLU B 23 6.77 -35.27 -3.84
C GLU B 23 7.46 -33.94 -3.52
N LEU B 34 10.73 -18.62 -17.73
CA LEU B 34 10.63 -17.45 -18.62
C LEU B 34 10.70 -16.14 -17.85
N PRO B 35 11.22 -15.10 -18.49
CA PRO B 35 11.23 -13.78 -17.86
C PRO B 35 9.83 -13.17 -17.86
N TYR B 36 9.48 -12.54 -16.73
CA TYR B 36 8.16 -11.95 -16.53
C TYR B 36 7.05 -12.98 -16.74
N GLN B 37 7.31 -14.22 -16.34
CA GLN B 37 6.33 -15.29 -16.54
C GLN B 37 5.10 -15.08 -15.68
N GLY B 38 5.26 -14.46 -14.50
CA GLY B 38 4.11 -14.18 -13.67
C GLY B 38 3.12 -13.22 -14.32
N GLN B 39 3.64 -12.17 -14.97
CA GLN B 39 2.77 -11.24 -15.67
C GLN B 39 2.12 -11.89 -16.89
N LEU B 40 2.85 -12.78 -17.57
CA LEU B 40 2.26 -13.52 -18.68
C LEU B 40 1.13 -14.43 -18.21
N LYS B 41 1.33 -15.09 -17.06
CA LYS B 41 0.30 -15.97 -16.52
C LYS B 41 -0.98 -15.20 -16.24
N LEU B 42 -0.87 -14.05 -15.57
CA LEU B 42 -2.04 -13.24 -15.28
C LEU B 42 -2.67 -12.69 -16.56
N LEU B 43 -1.84 -12.23 -17.50
CA LEU B 43 -2.36 -11.64 -18.73
C LEU B 43 -3.19 -12.65 -19.51
N LEU B 44 -2.67 -13.86 -19.70
CA LEU B 44 -3.41 -14.88 -20.44
C LEU B 44 -4.70 -15.26 -19.74
N GLY B 45 -4.66 -15.44 -18.43
CA GLY B 45 -5.85 -15.87 -17.71
C GLY B 45 -6.95 -14.83 -17.71
N GLU B 46 -6.59 -13.56 -17.43
CA GLU B 46 -7.58 -12.50 -17.41
C GLU B 46 -8.08 -12.17 -18.80
N LEU B 47 -7.21 -12.28 -19.82
CA LEU B 47 -7.63 -12.06 -21.19
C LEU B 47 -8.60 -13.15 -21.64
N PHE B 48 -8.37 -14.39 -21.22
CA PHE B 48 -9.33 -15.47 -21.47
C PHE B 48 -10.65 -15.21 -20.74
N PHE B 49 -10.56 -14.77 -19.48
CA PHE B 49 -11.77 -14.54 -18.69
C PHE B 49 -12.59 -13.40 -19.27
N LEU B 50 -11.94 -12.26 -19.54
CA LEU B 50 -12.67 -11.10 -20.06
C LEU B 50 -13.20 -11.34 -21.45
N SER B 51 -12.47 -12.11 -22.28
CA SER B 51 -12.98 -12.44 -23.62
C SER B 51 -14.24 -13.28 -23.53
N LYS B 52 -14.31 -14.19 -22.57
CA LYS B 52 -15.54 -14.97 -22.37
C LYS B 52 -16.70 -14.05 -22.01
N LEU B 53 -16.44 -13.04 -21.17
CA LEU B 53 -17.48 -12.07 -20.84
C LEU B 53 -17.88 -11.24 -22.04
N GLN B 54 -16.94 -10.93 -22.93
CA GLN B 54 -17.29 -10.26 -24.17
C GLN B 54 -18.17 -11.16 -25.04
N ARG B 55 -17.89 -12.46 -25.04
CA ARG B 55 -18.71 -13.40 -25.81
C ARG B 55 -20.15 -13.42 -25.29
N HIS B 56 -20.33 -13.36 -23.98
CA HIS B 56 -21.66 -13.30 -23.38
C HIS B 56 -22.28 -11.91 -23.45
N GLY B 57 -21.56 -10.92 -23.95
CA GLY B 57 -22.11 -9.58 -24.09
C GLY B 57 -22.38 -8.87 -22.79
N ILE B 58 -21.63 -9.20 -21.73
CA ILE B 58 -21.77 -8.55 -20.43
C ILE B 58 -20.52 -7.77 -20.04
N LEU B 59 -19.61 -7.53 -21.00
CA LEU B 59 -18.36 -6.84 -20.72
C LEU B 59 -18.46 -5.34 -20.99
N ASP B 60 -19.07 -4.96 -22.11
CA ASP B 60 -19.08 -3.55 -22.51
C ASP B 60 -19.90 -2.71 -21.54
N GLY B 61 -19.35 -1.53 -21.21
CA GLY B 61 -19.99 -0.62 -20.30
C GLY B 61 -19.80 -0.93 -18.83
N ALA B 62 -19.09 -2.00 -18.50
CA ALA B 62 -18.92 -2.41 -17.11
C ALA B 62 -17.67 -1.77 -16.51
N THR B 63 -17.62 -1.78 -15.18
CA THR B 63 -16.46 -1.34 -14.42
C THR B 63 -15.75 -2.56 -13.87
N VAL B 64 -14.48 -2.72 -14.21
CA VAL B 64 -13.66 -3.81 -13.70
C VAL B 64 -13.02 -3.36 -12.40
N VAL B 65 -13.39 -4.01 -11.30
CA VAL B 65 -12.80 -3.75 -9.98
C VAL B 65 -11.75 -4.82 -9.75
N TYR B 66 -10.48 -4.42 -9.76
CA TYR B 66 -9.34 -5.33 -9.66
C TYR B 66 -8.65 -5.05 -8.32
N ILE B 67 -8.92 -5.90 -7.33
CA ILE B 67 -8.32 -5.79 -6.01
C ILE B 67 -7.10 -6.68 -5.95
N GLY B 68 -5.98 -6.14 -5.49
CA GLY B 68 -4.72 -6.83 -5.58
C GLY B 68 -4.07 -6.66 -6.94
N SER B 69 -4.08 -5.44 -7.48
CA SER B 69 -3.70 -5.19 -8.86
C SER B 69 -2.26 -4.74 -9.03
N ALA B 70 -1.56 -4.36 -7.96
CA ALA B 70 -0.22 -3.84 -8.13
C ALA B 70 0.81 -4.97 -8.21
N PRO B 71 1.87 -4.81 -9.03
CA PRO B 71 2.16 -3.66 -9.91
C PRO B 71 1.30 -3.63 -11.17
N GLY B 72 0.79 -4.78 -11.60
CA GLY B 72 -0.17 -4.85 -12.69
C GLY B 72 0.33 -4.38 -14.04
N THR B 73 1.59 -4.69 -14.38
CA THR B 73 2.13 -4.30 -15.68
C THR B 73 1.26 -4.81 -16.82
N HIS B 74 0.76 -6.04 -16.69
CA HIS B 74 -0.01 -6.67 -17.76
C HIS B 74 -1.36 -6.00 -17.98
N ILE B 75 -1.88 -5.27 -16.98
CA ILE B 75 -3.20 -4.65 -17.11
C ILE B 75 -3.21 -3.64 -18.24
N ARG B 76 -2.07 -3.00 -18.52
CA ARG B 76 -2.00 -2.04 -19.61
C ARG B 76 -2.34 -2.70 -20.94
N TYR B 77 -1.81 -3.90 -21.18
CA TYR B 77 -2.13 -4.61 -22.42
C TYR B 77 -3.61 -4.94 -22.50
N LEU B 78 -4.19 -5.42 -21.40
CA LEU B 78 -5.63 -5.71 -21.38
C LEU B 78 -6.43 -4.47 -21.72
N ARG B 79 -6.13 -3.34 -21.07
CA ARG B 79 -6.87 -2.12 -21.28
C ARG B 79 -6.80 -1.67 -22.75
N ASP B 80 -5.58 -1.61 -23.30
CA ASP B 80 -5.43 -1.22 -24.70
C ASP B 80 -6.12 -2.20 -25.63
N HIS B 81 -6.07 -3.49 -25.29
CA HIS B 81 -6.66 -4.52 -26.17
C HIS B 81 -8.15 -4.28 -26.37
N PHE B 82 -8.90 -4.14 -25.27
CA PHE B 82 -10.34 -3.93 -25.39
C PHE B 82 -10.69 -2.52 -25.82
N TYR B 83 -9.85 -1.53 -25.46
CA TYR B 83 -10.11 -0.17 -25.90
C TYR B 83 -10.01 -0.06 -27.42
N ASN B 84 -9.01 -0.70 -28.02
CA ASN B 84 -8.85 -0.63 -29.47
C ASN B 84 -9.96 -1.37 -30.19
N LEU B 85 -10.59 -2.35 -29.54
CA LEU B 85 -11.74 -3.05 -30.12
C LEU B 85 -13.01 -2.24 -30.04
N GLY B 86 -13.00 -1.09 -29.38
CA GLY B 86 -14.21 -0.32 -29.17
C GLY B 86 -15.05 -0.77 -28.00
N VAL B 87 -14.50 -1.59 -27.11
CA VAL B 87 -15.20 -2.01 -25.89
C VAL B 87 -14.96 -0.98 -24.81
N ILE B 88 -16.02 -0.50 -24.19
CA ILE B 88 -15.94 0.53 -23.17
C ILE B 88 -15.81 -0.15 -21.81
N ILE B 89 -14.64 -0.02 -21.19
CA ILE B 89 -14.37 -0.58 -19.87
C ILE B 89 -13.74 0.50 -19.01
N LYS B 90 -14.27 0.69 -17.80
CA LYS B 90 -13.66 1.55 -16.80
C LYS B 90 -12.94 0.66 -15.79
N TRP B 91 -11.66 0.97 -15.54
CA TRP B 91 -10.82 0.15 -14.69
C TRP B 91 -10.59 0.85 -13.36
N MET B 92 -10.77 0.11 -12.27
CA MET B 92 -10.53 0.59 -10.91
C MET B 92 -9.55 -0.38 -10.25
N LEU B 93 -8.29 0.03 -10.16
CA LEU B 93 -7.23 -0.83 -9.65
C LEU B 93 -6.95 -0.45 -8.20
N ILE B 94 -7.21 -1.38 -7.27
CA ILE B 94 -7.15 -1.11 -5.85
C ILE B 94 -6.09 -2.01 -5.23
N ASP B 95 -5.11 -1.41 -4.56
CA ASP B 95 -4.03 -2.17 -3.94
C ASP B 95 -3.35 -1.27 -2.91
N GLY B 96 -2.66 -1.92 -1.96
CA GLY B 96 -1.90 -1.17 -0.98
C GLY B 96 -0.60 -0.61 -1.52
N ARG B 97 -0.05 -1.23 -2.56
CA ARG B 97 1.18 -0.79 -3.19
C ARG B 97 0.86 0.04 -4.44
N HIS B 98 1.87 0.78 -4.89
CA HIS B 98 1.73 1.57 -6.11
C HIS B 98 1.85 0.67 -7.33
N HIS B 99 1.40 1.19 -8.47
CA HIS B 99 1.32 0.42 -9.70
C HIS B 99 2.46 0.76 -10.66
N ASP B 100 2.59 -0.07 -11.69
CA ASP B 100 3.58 0.16 -12.72
C ASP B 100 3.34 1.52 -13.39
N PRO B 101 4.38 2.32 -13.61
CA PRO B 101 4.17 3.64 -14.25
C PRO B 101 3.53 3.56 -15.63
N ILE B 102 3.53 2.39 -16.27
CA ILE B 102 2.88 2.23 -17.57
C ILE B 102 1.38 2.39 -17.49
N LEU B 103 0.80 2.36 -16.29
CA LEU B 103 -0.62 2.61 -16.08
C LEU B 103 -0.92 4.08 -15.80
N ASN B 104 0.10 4.94 -15.79
CA ASN B 104 -0.08 6.36 -15.51
C ASN B 104 -0.62 7.08 -16.74
N GLY B 105 -1.38 8.14 -16.48
CA GLY B 105 -1.95 8.94 -17.55
C GLY B 105 -3.11 8.31 -18.28
N LEU B 106 -3.58 7.14 -17.84
CA LEU B 106 -4.71 6.47 -18.46
C LEU B 106 -5.99 6.97 -17.81
N ARG B 107 -6.88 7.53 -18.62
CA ARG B 107 -8.05 8.23 -18.11
C ARG B 107 -9.12 7.29 -17.59
N ASP B 108 -9.33 6.17 -18.30
CA ASP B 108 -10.31 5.16 -17.89
C ASP B 108 -9.78 4.24 -16.79
N VAL B 109 -8.58 4.49 -16.27
CA VAL B 109 -7.94 3.66 -15.27
C VAL B 109 -7.72 4.51 -14.03
N THR B 110 -8.42 4.17 -12.94
CA THR B 110 -8.27 4.85 -11.67
C THR B 110 -7.42 4.00 -10.74
N LEU B 111 -6.36 4.58 -10.20
CA LEU B 111 -5.43 3.88 -9.31
C LEU B 111 -5.74 4.29 -7.87
N VAL B 112 -6.14 3.31 -7.06
CA VAL B 112 -6.59 3.55 -5.70
C VAL B 112 -5.63 2.88 -4.74
N THR B 113 -5.16 3.63 -3.75
CA THR B 113 -4.31 3.12 -2.68
C THR B 113 -5.19 2.86 -1.46
N ARG B 114 -5.37 1.59 -1.12
CA ARG B 114 -6.29 1.23 -0.05
C ARG B 114 -6.07 -0.21 0.36
N PHE B 115 -6.11 -0.44 1.68
CA PHE B 115 -6.22 -1.80 2.22
C PHE B 115 -7.72 -2.11 2.37
N VAL B 116 -8.23 -2.96 1.48
CA VAL B 116 -9.67 -3.14 1.36
C VAL B 116 -10.19 -3.94 2.55
N ASP B 117 -11.29 -3.48 3.13
CA ASP B 117 -12.05 -4.24 4.12
C ASP B 117 -13.53 -4.19 3.73
N GLU B 118 -14.36 -4.83 4.56
CA GLU B 118 -15.79 -4.90 4.27
C GLU B 118 -16.41 -3.51 4.21
N GLU B 119 -15.99 -2.61 5.09
CA GLU B 119 -16.55 -1.26 5.10
C GLU B 119 -16.23 -0.50 3.81
N TYR B 120 -14.98 -0.58 3.36
CA TYR B 120 -14.60 0.12 2.14
C TYR B 120 -15.32 -0.45 0.91
N LEU B 121 -15.59 -1.76 0.91
CA LEU B 121 -16.29 -2.38 -0.20
C LEU B 121 -17.69 -1.80 -0.37
N ARG B 122 -18.41 -1.59 0.74
CA ARG B 122 -19.73 -0.99 0.65
C ARG B 122 -19.68 0.45 0.16
N SER B 123 -18.59 1.16 0.47
CA SER B 123 -18.49 2.55 0.04
C SER B 123 -18.26 2.67 -1.47
N ILE B 124 -17.52 1.72 -2.07
CA ILE B 124 -17.33 1.78 -3.51
C ILE B 124 -18.52 1.21 -4.25
N LYS B 125 -19.28 0.30 -3.62
CA LYS B 125 -20.50 -0.19 -4.24
C LYS B 125 -21.51 0.94 -4.42
N LYS B 126 -21.77 1.69 -3.35
CA LYS B 126 -22.64 2.87 -3.44
C LYS B 126 -22.13 3.86 -4.46
N GLN B 127 -20.81 3.95 -4.62
CA GLN B 127 -20.19 4.95 -5.49
C GLN B 127 -20.19 4.54 -6.95
N LEU B 128 -20.13 3.24 -7.24
CA LEU B 128 -20.10 2.75 -8.61
C LEU B 128 -21.49 2.56 -9.20
N HIS B 129 -22.55 2.65 -8.40
CA HIS B 129 -23.89 2.57 -8.93
C HIS B 129 -24.12 3.68 -9.95
N PRO B 130 -24.84 3.41 -11.06
CA PRO B 130 -25.52 2.16 -11.44
C PRO B 130 -24.72 1.26 -12.38
N SER B 131 -23.39 1.26 -12.30
CA SER B 131 -22.57 0.55 -13.27
C SER B 131 -22.47 -0.93 -12.92
N LYS B 132 -22.48 -1.77 -13.96
CA LYS B 132 -22.15 -3.18 -13.79
C LYS B 132 -20.71 -3.31 -13.30
N ILE B 133 -20.47 -4.30 -12.45
CA ILE B 133 -19.17 -4.51 -11.83
C ILE B 133 -18.65 -5.89 -12.23
N ILE B 134 -17.38 -5.93 -12.65
CA ILE B 134 -16.66 -7.18 -12.88
C ILE B 134 -15.51 -7.22 -11.89
N LEU B 135 -15.49 -8.26 -11.05
CA LEU B 135 -14.51 -8.38 -9.98
C LEU B 135 -13.35 -9.27 -10.42
N ILE B 136 -12.14 -8.79 -10.18
CA ILE B 136 -10.93 -9.59 -10.35
C ILE B 136 -10.11 -9.45 -9.07
N SER B 137 -9.85 -10.57 -8.41
CA SER B 137 -9.12 -10.57 -7.13
C SER B 137 -7.85 -11.39 -7.28
N ASP B 138 -6.72 -10.78 -6.91
CA ASP B 138 -5.44 -11.45 -6.87
C ASP B 138 -4.71 -11.09 -5.59
N VAL B 139 -5.46 -10.95 -4.49
CA VAL B 139 -4.87 -10.56 -3.22
C VAL B 139 -4.08 -11.71 -2.64
N ARG B 140 -2.91 -11.39 -2.09
CA ARG B 140 -2.04 -12.40 -1.47
C ARG B 140 -1.31 -11.81 -0.27
N GLU B 147 6.13 -18.03 1.75
CA GLU B 147 4.94 -18.79 1.38
C GLU B 147 3.81 -18.54 2.37
N PRO B 148 2.57 -18.49 1.86
CA PRO B 148 1.43 -18.17 2.74
C PRO B 148 0.94 -19.40 3.50
N SER B 149 0.58 -19.18 4.76
CA SER B 149 0.04 -20.24 5.60
C SER B 149 -1.42 -20.51 5.23
N THR B 150 -1.95 -21.62 5.77
CA THR B 150 -3.36 -21.93 5.57
C THR B 150 -4.25 -20.86 6.19
N ALA B 151 -3.85 -20.31 7.35
CA ALA B 151 -4.61 -19.24 7.96
C ALA B 151 -4.65 -18.00 7.08
N ASP B 152 -3.53 -17.71 6.39
CA ASP B 152 -3.51 -16.57 5.48
C ASP B 152 -4.48 -16.79 4.31
N LEU B 153 -4.46 -17.98 3.71
CA LEU B 153 -5.35 -18.26 2.58
C LEU B 153 -6.81 -18.15 2.99
N LEU B 154 -7.15 -18.69 4.16
CA LEU B 154 -8.51 -18.60 4.66
C LEU B 154 -8.94 -17.15 4.84
N SER B 155 -8.02 -16.28 5.24
CA SER B 155 -8.33 -14.86 5.31
C SER B 155 -8.58 -14.28 3.92
N ASN B 156 -7.72 -14.61 2.96
CA ASN B 156 -7.91 -14.12 1.60
C ASN B 156 -9.23 -14.60 1.01
N TYR B 157 -9.55 -15.88 1.22
CA TYR B 157 -10.77 -16.43 0.65
C TYR B 157 -12.02 -15.91 1.36
N ALA B 158 -11.92 -15.67 2.67
CA ALA B 158 -13.03 -15.02 3.37
C ALA B 158 -13.29 -13.63 2.82
N LEU B 159 -12.22 -12.87 2.56
CA LEU B 159 -12.37 -11.53 2.00
C LEU B 159 -12.93 -11.58 0.58
N GLN B 160 -12.46 -12.54 -0.23
CA GLN B 160 -12.92 -12.63 -1.61
C GLN B 160 -14.41 -12.94 -1.68
N ASN B 161 -14.91 -13.77 -0.76
CA ASN B 161 -16.36 -14.00 -0.67
C ASN B 161 -17.10 -12.72 -0.32
N VAL B 162 -16.51 -11.91 0.56
CA VAL B 162 -17.13 -10.63 0.93
C VAL B 162 -17.16 -9.69 -0.27
N MET B 163 -16.12 -9.74 -1.12
CA MET B 163 -16.11 -8.91 -2.33
C MET B 163 -17.33 -9.19 -3.18
N ILE B 164 -17.67 -10.46 -3.37
CA ILE B 164 -18.77 -10.82 -4.26
C ILE B 164 -20.12 -10.48 -3.63
N SER B 165 -20.29 -10.82 -2.35
CA SER B 165 -21.59 -10.62 -1.72
C SER B 165 -21.92 -9.14 -1.58
N ILE B 166 -20.92 -8.28 -1.46
CA ILE B 166 -21.16 -6.84 -1.31
C ILE B 166 -21.21 -6.15 -2.66
N LEU B 167 -20.19 -6.34 -3.50
CA LEU B 167 -20.16 -5.66 -4.79
C LEU B 167 -21.21 -6.19 -5.75
N ASN B 168 -21.66 -7.43 -5.57
CA ASN B 168 -22.66 -8.05 -6.43
C ASN B 168 -22.27 -7.94 -7.92
N PRO B 169 -21.15 -8.53 -8.32
CA PRO B 169 -20.71 -8.40 -9.70
C PRO B 169 -21.45 -9.34 -10.64
N VAL B 170 -21.48 -8.95 -11.92
CA VAL B 170 -22.03 -9.82 -12.94
C VAL B 170 -21.13 -11.01 -13.20
N ALA B 171 -19.85 -10.91 -12.90
CA ALA B 171 -18.89 -12.00 -13.05
C ALA B 171 -17.70 -11.71 -12.16
N SER B 172 -16.92 -12.76 -11.89
CA SER B 172 -15.76 -12.60 -11.03
C SER B 172 -14.70 -13.63 -11.40
N SER B 173 -13.44 -13.23 -11.21
CA SER B 173 -12.28 -14.12 -11.32
C SER B 173 -11.53 -14.05 -10.00
N LEU B 174 -11.40 -15.18 -9.33
CA LEU B 174 -10.83 -15.25 -7.99
C LEU B 174 -9.57 -16.11 -7.97
N LYS B 175 -8.57 -15.65 -7.23
CA LYS B 175 -7.39 -16.45 -6.94
C LYS B 175 -7.80 -17.64 -6.09
N TRP B 176 -7.49 -18.85 -6.56
CA TRP B 176 -7.94 -20.07 -5.90
C TRP B 176 -6.82 -21.10 -5.88
N ARG B 177 -6.21 -21.30 -4.71
CA ARG B 177 -5.31 -22.42 -4.47
C ARG B 177 -5.72 -23.08 -3.16
N CYS B 178 -6.08 -24.35 -3.23
CA CYS B 178 -6.52 -25.05 -2.02
C CYS B 178 -5.35 -25.22 -1.06
N PRO B 179 -5.57 -25.06 0.24
CA PRO B 179 -4.50 -25.33 1.22
C PRO B 179 -4.09 -26.79 1.17
N PHE B 180 -2.82 -27.03 1.47
CA PHE B 180 -2.29 -28.40 1.43
C PHE B 180 -2.96 -29.25 2.50
N PRO B 181 -3.25 -30.52 2.20
CA PRO B 181 -3.95 -31.37 3.19
C PRO B 181 -3.15 -31.60 4.46
N ASP B 182 -1.82 -31.63 4.39
CA ASP B 182 -1.00 -31.76 5.59
C ASP B 182 -0.92 -30.47 6.39
N GLN B 183 -1.57 -29.40 5.93
CA GLN B 183 -1.68 -28.15 6.67
C GLN B 183 -3.14 -27.75 6.88
N TRP B 184 -4.05 -28.71 6.81
CA TRP B 184 -5.47 -28.39 6.92
C TRP B 184 -5.79 -27.81 8.30
N ILE B 185 -6.81 -26.95 8.33
CA ILE B 185 -7.26 -26.39 9.60
C ILE B 185 -8.75 -26.64 9.79
N LYS B 186 -9.57 -26.10 8.89
CA LYS B 186 -11.02 -26.21 8.96
C LYS B 186 -11.56 -26.27 7.54
N ASP B 187 -12.77 -26.78 7.40
CA ASP B 187 -13.49 -26.67 6.14
C ASP B 187 -13.93 -25.23 5.92
N PHE B 188 -13.89 -24.79 4.67
CA PHE B 188 -14.26 -23.42 4.32
C PHE B 188 -15.02 -23.45 3.00
N TYR B 189 -15.66 -22.33 2.69
CA TYR B 189 -16.53 -22.20 1.53
C TYR B 189 -15.95 -21.22 0.53
N ILE B 190 -16.09 -21.54 -0.75
CA ILE B 190 -15.70 -20.67 -1.85
C ILE B 190 -16.85 -20.61 -2.84
N PRO B 191 -16.87 -19.57 -3.70
CA PRO B 191 -17.98 -19.46 -4.65
C PRO B 191 -17.99 -20.61 -5.66
N HIS B 192 -19.17 -20.92 -6.16
CA HIS B 192 -19.30 -21.84 -7.27
C HIS B 192 -18.73 -21.20 -8.53
N GLY B 193 -18.12 -22.03 -9.37
CA GLY B 193 -17.56 -21.56 -10.62
C GLY B 193 -16.58 -22.53 -11.21
N ASN B 194 -16.13 -22.21 -12.41
CA ASN B 194 -15.19 -23.04 -13.14
C ASN B 194 -13.76 -22.68 -12.76
N LYS B 195 -12.94 -23.72 -12.57
CA LYS B 195 -11.57 -23.55 -12.07
C LYS B 195 -10.62 -23.56 -13.27
N MET B 196 -10.35 -22.37 -13.79
CA MET B 196 -9.53 -22.23 -14.99
C MET B 196 -8.07 -22.57 -14.69
N LEU B 197 -7.49 -23.43 -15.53
CA LEU B 197 -6.09 -23.76 -15.41
C LEU B 197 -5.22 -22.69 -16.09
N GLN B 198 -4.07 -22.43 -15.51
CA GLN B 198 -3.22 -21.33 -15.94
C GLN B 198 -1.96 -21.85 -16.62
N PRO B 199 -1.73 -21.52 -17.89
CA PRO B 199 -0.43 -21.82 -18.49
C PRO B 199 0.63 -20.86 -17.95
N PHE B 200 1.89 -21.31 -18.05
CA PHE B 200 3.05 -20.54 -17.59
C PHE B 200 2.96 -20.20 -16.11
N ALA B 201 2.16 -20.94 -15.36
CA ALA B 201 2.23 -20.88 -13.91
C ALA B 201 3.56 -21.47 -13.46
N PRO B 202 3.99 -21.17 -12.22
CA PRO B 202 5.20 -21.83 -11.70
C PRO B 202 5.17 -23.34 -11.88
N SER B 203 6.35 -23.97 -11.86
CA SER B 203 6.48 -25.36 -12.32
C SER B 203 5.52 -26.28 -11.58
N TYR B 204 5.38 -26.13 -10.28
CA TYR B 204 4.53 -27.01 -9.47
C TYR B 204 3.56 -26.20 -8.63
N SER B 205 2.95 -25.18 -9.22
CA SER B 205 1.91 -24.41 -8.55
C SER B 205 0.56 -25.09 -8.71
N ALA B 206 -0.20 -25.13 -7.63
CA ALA B 206 -1.55 -25.68 -7.64
C ALA B 206 -2.62 -24.60 -7.76
N GLU B 207 -2.20 -23.39 -8.17
CA GLU B 207 -3.13 -22.26 -8.25
C GLU B 207 -3.91 -22.28 -9.55
N MET B 208 -5.20 -22.00 -9.45
CA MET B 208 -6.09 -21.81 -10.59
C MET B 208 -6.91 -20.56 -10.35
N ARG B 209 -7.66 -20.14 -11.36
CA ARG B 209 -8.56 -18.99 -11.24
C ARG B 209 -9.99 -19.49 -11.21
N LEU B 210 -10.74 -19.05 -10.19
CA LEU B 210 -12.14 -19.42 -10.04
C LEU B 210 -12.98 -18.40 -10.81
N LEU B 211 -13.55 -18.84 -11.93
CA LEU B 211 -14.35 -17.98 -12.79
C LEU B 211 -15.82 -18.25 -12.55
N SER B 212 -16.61 -17.18 -12.40
CA SER B 212 -18.03 -17.30 -12.11
C SER B 212 -18.81 -16.24 -12.87
N ILE B 213 -19.94 -16.65 -13.43
CA ILE B 213 -20.92 -15.74 -14.03
C ILE B 213 -22.21 -15.88 -13.25
N TYR B 214 -22.74 -14.77 -12.75
CA TYR B 214 -23.81 -14.77 -11.75
C TYR B 214 -25.16 -14.53 -12.41
N THR B 215 -26.06 -15.49 -12.26
CA THR B 215 -27.38 -15.43 -12.86
C THR B 215 -28.44 -15.24 -11.78
N MET B 219 -25.34 -16.17 -5.41
CA MET B 219 -24.04 -16.81 -5.34
C MET B 219 -24.09 -17.99 -4.38
N ARG B 220 -24.15 -19.21 -4.91
CA ARG B 220 -24.06 -20.39 -4.07
C ARG B 220 -22.60 -20.65 -3.70
N LEU B 221 -22.39 -21.02 -2.45
CA LEU B 221 -21.07 -21.41 -1.97
C LEU B 221 -20.93 -22.93 -2.02
N THR B 222 -19.68 -23.39 -2.00
CA THR B 222 -19.39 -24.82 -2.00
C THR B 222 -18.36 -25.10 -0.92
N ARG B 223 -18.63 -26.12 -0.10
CA ARG B 223 -17.70 -26.51 0.95
C ARG B 223 -16.43 -27.08 0.35
N VAL B 224 -15.29 -26.76 0.98
CA VAL B 224 -14.00 -27.34 0.62
C VAL B 224 -13.53 -28.17 1.80
N THR B 225 -13.30 -29.46 1.56
CA THR B 225 -12.94 -30.41 2.60
C THR B 225 -11.48 -30.83 2.45
N LYS B 226 -10.99 -31.53 3.48
CA LYS B 226 -9.62 -32.04 3.42
C LYS B 226 -9.46 -33.10 2.34
N SER B 227 -10.51 -33.89 2.07
CA SER B 227 -10.45 -34.84 0.96
C SER B 227 -10.38 -34.11 -0.38
N ASP B 228 -10.98 -32.92 -0.46
CA ASP B 228 -10.80 -32.09 -1.64
C ASP B 228 -9.36 -31.62 -1.77
N ALA B 229 -8.73 -31.28 -0.64
CA ALA B 229 -7.34 -30.82 -0.66
C ALA B 229 -6.41 -31.90 -1.17
N VAL B 230 -6.64 -33.16 -0.76
CA VAL B 230 -5.86 -34.26 -1.29
C VAL B 230 -6.08 -34.40 -2.79
N ASN B 231 -7.34 -34.30 -3.22
CA ASN B 231 -7.65 -34.43 -4.65
C ASN B 231 -7.04 -33.29 -5.45
N TYR B 232 -7.04 -32.08 -4.90
CA TYR B 232 -6.38 -30.96 -5.58
C TYR B 232 -4.87 -31.20 -5.70
N GLU B 233 -4.24 -31.65 -4.62
CA GLU B 233 -2.79 -31.81 -4.60
C GLU B 233 -2.33 -32.88 -5.58
N LYS B 234 -3.05 -34.00 -5.64
CA LYS B 234 -2.64 -35.10 -6.52
C LYS B 234 -2.94 -34.80 -7.98
N LYS B 235 -4.12 -34.24 -8.27
CA LYS B 235 -4.45 -33.91 -9.66
C LYS B 235 -3.51 -32.87 -10.22
N MET B 236 -3.20 -31.84 -9.43
CA MET B 236 -2.32 -30.77 -9.90
C MET B 236 -0.88 -31.25 -10.03
N TYR B 237 -0.45 -32.20 -9.19
CA TYR B 237 0.90 -32.72 -9.33
C TYR B 237 1.02 -33.59 -10.58
N TYR B 238 -0.04 -34.34 -10.92
CA TYR B 238 -0.06 -35.05 -12.19
C TYR B 238 -0.05 -34.08 -13.37
N LEU B 239 -0.72 -32.93 -13.22
CA LEU B 239 -0.69 -31.92 -14.26
C LEU B 239 0.69 -31.30 -14.39
N ASN B 240 1.31 -30.95 -13.26
CA ASN B 240 2.60 -30.26 -13.30
C ASN B 240 3.73 -31.21 -13.67
N LYS B 241 3.72 -32.44 -13.14
CA LYS B 241 4.85 -33.34 -13.33
C LYS B 241 4.77 -34.07 -14.67
N ILE B 242 3.57 -34.43 -15.12
CA ILE B 242 3.38 -35.28 -16.30
C ILE B 242 2.90 -34.47 -17.50
N VAL B 243 1.72 -33.84 -17.39
CA VAL B 243 1.08 -33.25 -18.56
C VAL B 243 1.88 -32.07 -19.09
N ARG B 244 2.32 -31.18 -18.20
CA ARG B 244 2.98 -29.95 -18.64
C ARG B 244 4.40 -30.21 -19.15
N ASN B 245 4.93 -31.41 -18.99
CA ASN B 245 6.26 -31.75 -19.50
C ASN B 245 6.20 -32.50 -20.82
N LYS B 246 5.03 -32.56 -21.46
CA LYS B 246 4.88 -33.24 -22.74
C LYS B 246 5.09 -32.26 -23.89
N VAL B 247 5.42 -32.81 -25.06
CA VAL B 247 5.48 -32.07 -26.31
C VAL B 247 4.35 -32.60 -27.19
N VAL B 248 3.37 -31.75 -27.48
CA VAL B 248 2.25 -32.15 -28.33
C VAL B 248 2.76 -32.21 -29.77
N ILE B 249 2.93 -33.42 -30.29
CA ILE B 249 3.63 -33.59 -31.56
C ILE B 249 2.73 -33.34 -32.77
N ASN B 250 1.41 -33.42 -32.61
CA ASN B 250 0.48 -33.10 -33.69
C ASN B 250 0.04 -31.65 -33.65
N PHE B 251 0.76 -30.80 -32.92
CA PHE B 251 0.41 -29.39 -32.75
C PHE B 251 1.15 -28.56 -33.78
N ASP B 252 0.41 -27.90 -34.66
CA ASP B 252 0.97 -27.09 -35.74
C ASP B 252 1.29 -25.70 -35.19
N TYR B 253 2.51 -25.53 -34.71
CA TYR B 253 2.93 -24.27 -34.09
C TYR B 253 4.44 -24.24 -33.92
N PRO B 254 5.06 -23.06 -33.93
CA PRO B 254 6.52 -23.00 -33.74
C PRO B 254 7.00 -23.59 -32.42
N ASN B 255 6.14 -23.66 -31.40
CA ASN B 255 6.48 -24.28 -30.13
C ASN B 255 5.40 -25.28 -29.76
N GLN B 256 5.79 -26.52 -29.50
CA GLN B 256 4.86 -27.61 -29.25
C GLN B 256 4.83 -28.04 -27.80
N GLU B 257 5.50 -27.32 -26.90
CA GLU B 257 5.42 -27.62 -25.49
C GLU B 257 3.99 -27.38 -24.98
N TYR B 258 3.62 -28.09 -23.92
CA TYR B 258 2.22 -28.13 -23.52
C TYR B 258 1.69 -26.75 -23.15
N ASP B 259 2.51 -25.93 -22.49
CA ASP B 259 2.05 -24.61 -22.08
C ASP B 259 1.70 -23.73 -23.28
N TYR B 260 2.44 -23.87 -24.38
CA TYR B 260 2.08 -23.16 -25.60
C TYR B 260 0.85 -23.77 -26.26
N PHE B 261 0.73 -25.09 -26.20
CA PHE B 261 -0.50 -25.75 -26.65
C PHE B 261 -1.69 -25.30 -25.81
N HIS B 262 -1.48 -25.17 -24.50
CA HIS B 262 -2.52 -24.64 -23.62
C HIS B 262 -2.81 -23.17 -23.93
N MET B 263 -1.75 -22.37 -24.10
CA MET B 263 -1.94 -20.96 -24.43
C MET B 263 -2.66 -20.78 -25.76
N TYR B 264 -2.36 -21.66 -26.72
CA TYR B 264 -2.98 -21.58 -28.05
C TYR B 264 -4.51 -21.62 -27.94
N PHE B 265 -5.04 -22.55 -27.15
CA PHE B 265 -6.48 -22.69 -27.04
C PHE B 265 -7.13 -21.57 -26.23
N MET B 266 -6.36 -20.86 -25.41
CA MET B 266 -6.91 -19.68 -24.75
C MET B 266 -6.96 -18.48 -25.68
N LEU B 267 -5.90 -18.28 -26.48
CA LEU B 267 -5.83 -17.10 -27.34
C LEU B 267 -6.80 -17.15 -28.50
N ARG B 268 -7.29 -18.34 -28.88
CA ARG B 268 -8.22 -18.44 -29.99
C ARG B 268 -9.62 -17.97 -29.62
N THR B 269 -9.91 -17.81 -28.33
CA THR B 269 -11.16 -17.21 -27.89
C THR B 269 -11.10 -15.69 -27.86
N VAL B 270 -9.95 -15.11 -28.19
CA VAL B 270 -9.74 -13.66 -28.10
C VAL B 270 -10.16 -13.00 -29.40
N TYR B 271 -10.98 -11.96 -29.29
CA TYR B 271 -11.37 -11.18 -30.46
C TYR B 271 -10.18 -10.36 -30.98
N CYS B 272 -10.26 -9.97 -32.24
CA CYS B 272 -9.20 -9.19 -32.86
C CYS B 272 -9.78 -8.39 -34.02
N ASN B 273 -9.46 -7.09 -34.06
CA ASN B 273 -9.89 -6.26 -35.17
C ASN B 273 -9.26 -6.71 -36.48
N LYS B 274 -7.97 -7.04 -36.45
CA LYS B 274 -7.26 -7.44 -37.66
C LYS B 274 -7.73 -8.82 -38.12
N THR B 275 -7.82 -9.00 -39.43
CA THR B 275 -8.24 -10.26 -40.03
C THR B 275 -7.03 -11.01 -40.53
N PHE B 276 -7.03 -12.33 -40.30
CA PHE B 276 -5.88 -13.16 -40.58
C PHE B 276 -6.25 -14.31 -41.50
N PRO B 277 -5.28 -14.84 -42.27
CA PRO B 277 -5.62 -15.92 -43.22
C PRO B 277 -6.04 -17.21 -42.54
N THR B 278 -5.40 -17.58 -41.43
CA THR B 278 -5.71 -18.81 -40.72
C THR B 278 -5.85 -18.51 -39.22
N THR B 279 -6.41 -19.48 -38.51
CA THR B 279 -6.46 -19.38 -37.04
C THR B 279 -5.06 -19.39 -36.46
N LYS B 280 -4.15 -20.21 -37.02
CA LYS B 280 -2.79 -20.26 -36.51
C LYS B 280 -2.08 -18.92 -36.68
N ALA B 281 -2.35 -18.22 -37.79
CA ALA B 281 -1.72 -16.92 -38.01
C ALA B 281 -2.19 -15.91 -36.97
N LYS B 282 -3.47 -15.97 -36.58
CA LYS B 282 -3.97 -15.06 -35.56
C LYS B 282 -3.33 -15.32 -34.21
N ILE B 283 -3.20 -16.59 -33.82
CA ILE B 283 -2.61 -16.93 -32.52
C ILE B 283 -1.14 -16.53 -32.49
N LEU B 284 -0.43 -16.74 -33.61
CA LEU B 284 0.98 -16.35 -33.67
C LEU B 284 1.14 -14.85 -33.54
N PHE B 285 0.24 -14.08 -34.14
CA PHE B 285 0.28 -12.62 -33.98
C PHE B 285 0.00 -12.22 -32.54
N LEU B 286 -1.00 -12.86 -31.91
CA LEU B 286 -1.35 -12.50 -30.53
C LEU B 286 -0.22 -12.85 -29.56
N GLN B 287 0.37 -14.04 -29.70
CA GLN B 287 1.46 -14.42 -28.82
C GLN B 287 2.65 -13.49 -28.98
N GLN B 288 2.97 -13.12 -30.23
CA GLN B 288 4.09 -12.21 -30.47
C GLN B 288 3.78 -10.80 -30.01
N SER B 289 2.51 -10.39 -30.06
CA SER B 289 2.13 -9.10 -29.49
C SER B 289 2.27 -9.10 -27.97
N ILE B 290 1.82 -10.18 -27.33
CA ILE B 290 1.88 -10.26 -25.87
C ILE B 290 3.32 -10.36 -25.39
N PHE B 291 4.11 -11.23 -26.03
CA PHE B 291 5.50 -11.42 -25.62
C PHE B 291 6.33 -10.16 -25.81
N ARG B 292 6.08 -9.43 -26.89
CA ARG B 292 6.81 -8.18 -27.13
C ARG B 292 6.44 -7.11 -26.12
N PHE B 293 5.18 -7.08 -25.68
CA PHE B 293 4.78 -6.12 -24.65
C PHE B 293 5.49 -6.39 -23.33
N LEU B 294 5.65 -7.66 -22.97
CA LEU B 294 6.24 -8.05 -21.70
C LEU B 294 7.75 -8.21 -21.76
N ASN B 295 8.36 -7.96 -22.92
CA ASN B 295 9.82 -8.10 -23.10
C ASN B 295 10.26 -9.55 -22.89
N ILE B 296 9.55 -10.46 -23.52
CA ILE B 296 9.86 -11.90 -23.49
C ILE B 296 10.39 -12.30 -24.86
N PRO B 297 11.59 -12.89 -24.97
CA PRO B 297 12.14 -13.36 -26.25
C PRO B 297 11.25 -14.40 -26.93
N UG9 C . -0.89 18.88 10.01
CA UG9 C . -2.22 19.53 10.11
C UG9 C . -2.10 20.78 11.00
O UG9 C . -3.12 21.13 11.64
CB UG9 C . -3.26 18.55 10.67
OXT UG9 C . -0.99 21.35 11.04
C10 UG9 C . -4.15 14.98 1.33
C12 UG9 C . -5.04 14.17 3.19
C13 UG9 C . -5.15 12.88 2.65
C14 UG9 C . -5.72 12.07 3.67
C16 UG9 C . -5.93 12.84 4.77
C18 UG9 C . -5.55 15.27 5.41
C19 UG9 C . -6.93 15.61 5.95
C21 UG9 C . -6.57 16.38 7.23
C23 UG9 C . -5.17 15.87 7.60
C25 UG9 C . -5.10 15.16 8.94
C27 UG9 C . -3.77 17.55 9.65
C8 UG9 C . -4.69 12.74 1.31
I15 UG9 C . -6.11 10.01 3.50
N11 UG9 C . -4.54 15.25 2.59
N17 UG9 C . -5.51 14.13 4.49
N7 UG9 C . -4.74 11.59 0.64
N9 UG9 C . -4.20 13.82 0.68
O20 UG9 C . -7.65 16.42 5.03
O22 UG9 C . -6.54 17.79 7.02
O24 UG9 C . -4.78 14.95 6.54
S26 UG9 C . -5.03 16.40 10.26
N UG9 D . -2.07 -9.02 -9.80
CA UG9 D . -0.84 -8.27 -9.43
C UG9 D . 0.02 -8.07 -10.68
O UG9 D . 1.26 -8.00 -10.53
CB UG9 D . -0.05 -9.01 -8.35
OXT UG9 D . -0.58 -7.98 -11.78
C10 UG9 D . -5.63 -4.30 -1.05
C12 UG9 D . -4.41 -6.15 -1.03
C13 UG9 D . -5.10 -6.66 0.09
C14 UG9 D . -4.53 -7.93 0.38
C16 UG9 D . -3.54 -8.16 -0.53
C18 UG9 D . -2.53 -6.93 -2.51
C19 UG9 D . -1.07 -6.76 -2.09
C21 UG9 D . -0.33 -7.24 -3.36
C23 UG9 D . -1.34 -8.15 -4.07
C25 UG9 D . -0.88 -9.58 -4.23
C27 UG9 D . -0.69 -8.93 -6.97
C8 UG9 D . -6.14 -5.82 0.61
I15 UG9 D . -5.11 -9.23 1.92
N11 UG9 D . -4.64 -4.98 -1.62
N17 UG9 D . -3.46 -7.07 -1.39
N7 UG9 D . -6.90 -6.17 1.64
N9 UG9 D . -6.37 -4.65 0.00
O20 UG9 D . -0.78 -5.40 -1.82
O22 UG9 D . 0.07 -6.16 -4.19
O24 UG9 D . -2.56 -8.11 -3.28
S26 UG9 D . 0.25 -9.72 -5.64
#